data_4R9W
#
_entry.id   4R9W
#
_cell.length_a   67.333
_cell.length_b   67.333
_cell.length_c   61.756
_cell.angle_alpha   90.00
_cell.angle_beta   90.00
_cell.angle_gamma   120.00
#
_symmetry.space_group_name_H-M   'P 32 2 1'
#
loop_
_entity.id
_entity.type
_entity.pdbx_description
1 polymer 'Platelet factor 4'
2 branched '2-deoxy-6-O-sulfo-2-(sulfoamino)-alpha-D-glucopyranose-(1-4)-beta-D-glucopyranuronic acid-(1-4)-2-deoxy-3,6-di-O-sulfo-2-(sulfoamino)-alpha-D-glucopyranose-(1-4)-2-O-sulfo-alpha-L-idopyranuronic acid-(1-4)-methyl 2-deoxy-6-O-sulfo-2-(sulfoamino)-alpha-D-glucopyranoside'
3 water water
#
_entity_poly.entity_id   1
_entity_poly.type   'polypeptide(L)'
_entity_poly.pdbx_seq_one_letter_code
;EAEEDGDLQCLCVKTTSQVRPRHITSLEVIKAGPHCPTAQLIATLKNGRKICLDLQAPLYKKIIKKLLES
;
_entity_poly.pdbx_strand_id   A,B
#
loop_
_chem_comp.id
_chem_comp.type
_chem_comp.name
_chem_comp.formula
BDP D-saccharide, beta linking 'beta-D-glucopyranuronic acid' 'C6 H10 O7'
IDS L-saccharide, alpha linking '2-O-sulfo-alpha-L-idopyranuronic acid' 'C6 H10 O10 S'
SGN D-saccharide, alpha linking 2-deoxy-6-O-sulfo-2-(sulfoamino)-alpha-D-glucopyranose 'C6 H13 N O11 S2'
SUS D-saccharide, alpha linking 2-deoxy-3,6-di-O-sulfo-2-(sulfoamino)-alpha-D-glucopyranose 'C6 H13 N O14 S3'
ZDO D-saccharide 'methyl 2-deoxy-6-O-sulfo-2-(sulfoamino)-alpha-D-glucopyranoside' 'C7 H15 N O11 S2'
#
# COMPACT_ATOMS: atom_id res chain seq x y z
N LEU A 8 -0.60 -11.89 -19.07
CA LEU A 8 -0.08 -10.55 -18.79
C LEU A 8 -1.13 -9.48 -19.04
N GLN A 9 -2.06 -9.35 -18.10
CA GLN A 9 -3.10 -8.33 -18.15
C GLN A 9 -2.99 -7.48 -16.90
N CYS A 10 -1.80 -6.98 -16.62
CA CYS A 10 -1.54 -6.25 -15.39
C CYS A 10 -1.87 -4.77 -15.49
N LEU A 11 -1.90 -4.11 -14.34
CA LEU A 11 -2.06 -2.67 -14.27
C LEU A 11 -0.73 -2.04 -14.63
N CYS A 12 0.35 -2.65 -14.16
CA CYS A 12 1.69 -2.11 -14.41
C CYS A 12 2.45 -2.88 -15.48
N VAL A 13 2.10 -2.63 -16.75
CA VAL A 13 2.84 -3.17 -17.88
C VAL A 13 4.23 -2.53 -17.87
N LYS A 14 4.32 -1.34 -18.42
CA LYS A 14 5.51 -0.52 -18.30
C LYS A 14 5.54 -0.01 -16.87
N THR A 15 6.72 0.33 -16.37
CA THR A 15 6.85 0.80 -14.99
C THR A 15 7.77 2.03 -14.90
N THR A 16 7.66 2.78 -13.81
CA THR A 16 8.37 4.05 -13.72
C THR A 16 9.26 4.18 -12.48
N SER A 17 10.31 4.99 -12.61
CA SER A 17 11.34 5.14 -11.58
C SER A 17 11.48 6.57 -11.09
N GLN A 18 10.98 7.52 -11.89
CA GLN A 18 11.09 8.94 -11.55
C GLN A 18 9.76 9.51 -11.06
N VAL A 19 9.71 9.80 -9.76
CA VAL A 19 8.54 10.44 -9.16
C VAL A 19 8.98 11.21 -7.91
N ARG A 20 8.30 12.32 -7.62
CA ARG A 20 8.60 13.11 -6.42
C ARG A 20 7.83 12.55 -5.22
N PRO A 21 8.56 11.93 -4.27
CA PRO A 21 7.95 11.24 -3.13
C PRO A 21 7.00 12.12 -2.32
N ARG A 22 7.24 13.43 -2.31
CA ARG A 22 6.37 14.37 -1.60
C ARG A 22 5.01 14.51 -2.29
N HIS A 23 4.95 14.11 -3.57
CA HIS A 23 3.71 14.19 -4.32
C HIS A 23 2.83 12.97 -4.09
N ILE A 24 3.33 12.00 -3.34
CA ILE A 24 2.61 10.75 -3.12
C ILE A 24 1.74 10.78 -1.85
N THR A 25 0.45 10.49 -2.02
CA THR A 25 -0.50 10.52 -0.91
C THR A 25 -0.80 9.11 -0.39
N SER A 26 -0.64 8.12 -1.26
CA SER A 26 -0.88 6.74 -0.87
C SER A 26 -0.17 5.76 -1.79
N LEU A 27 0.18 4.60 -1.22
CA LEU A 27 0.83 3.53 -1.97
C LEU A 27 0.07 2.24 -1.70
N GLU A 28 -0.42 1.59 -2.76
CA GLU A 28 -1.10 0.31 -2.59
C GLU A 28 -0.28 -0.82 -3.18
N VAL A 29 -0.05 -1.85 -2.37
CA VAL A 29 0.66 -3.03 -2.82
C VAL A 29 -0.35 -4.11 -3.16
N ILE A 30 -0.48 -4.43 -4.43
CA ILE A 30 -1.36 -5.50 -4.85
C ILE A 30 -0.54 -6.75 -5.14
N LYS A 31 -0.95 -7.89 -4.59
CA LYS A 31 -0.16 -9.10 -4.70
C LYS A 31 -0.31 -9.77 -6.05
N ALA A 32 0.71 -10.53 -6.43
CA ALA A 32 0.68 -11.30 -7.69
C ALA A 32 -0.48 -12.29 -7.68
N GLY A 33 -0.88 -12.72 -8.88
CA GLY A 33 -1.96 -13.68 -9.01
C GLY A 33 -1.95 -14.33 -10.38
N PRO A 34 -2.96 -15.15 -10.67
CA PRO A 34 -3.07 -15.84 -11.96
C PRO A 34 -3.18 -14.83 -13.11
N HIS A 35 -3.58 -13.61 -12.78
CA HIS A 35 -3.77 -12.56 -13.77
C HIS A 35 -2.59 -11.58 -13.86
N CYS A 36 -1.76 -11.56 -12.81
CA CYS A 36 -0.58 -10.69 -12.80
C CYS A 36 0.63 -11.39 -12.22
N PRO A 37 1.62 -11.69 -13.07
CA PRO A 37 2.85 -12.43 -12.72
C PRO A 37 3.63 -11.80 -11.58
N THR A 38 3.55 -10.47 -11.44
CA THR A 38 4.30 -9.77 -10.39
C THR A 38 3.39 -9.00 -9.44
N ALA A 39 3.91 -8.65 -8.27
CA ALA A 39 3.22 -7.75 -7.36
C ALA A 39 3.16 -6.38 -8.00
N GLN A 40 2.20 -5.56 -7.59
CA GLN A 40 2.08 -4.22 -8.15
C GLN A 40 2.14 -3.14 -7.08
N LEU A 41 2.96 -2.13 -7.34
CA LEU A 41 3.03 -0.95 -6.48
C LEU A 41 2.32 0.21 -7.16
N ILE A 42 1.11 0.51 -6.70
CA ILE A 42 0.34 1.61 -7.29
C ILE A 42 0.41 2.82 -6.36
N ALA A 43 0.98 3.93 -6.86
CA ALA A 43 1.05 5.15 -6.07
C ALA A 43 0.02 6.17 -6.53
N THR A 44 -0.68 6.77 -5.58
CA THR A 44 -1.65 7.82 -5.88
C THR A 44 -1.06 9.16 -5.47
N LEU A 45 -1.11 10.12 -6.38
CA LEU A 45 -0.52 11.43 -6.14
C LEU A 45 -1.54 12.43 -5.59
N LYS A 46 -1.07 13.61 -5.21
CA LYS A 46 -1.95 14.66 -4.67
C LYS A 46 -3.10 14.98 -5.62
N ASN A 47 -2.78 15.09 -6.90
CA ASN A 47 -3.79 15.43 -7.90
C ASN A 47 -4.69 14.26 -8.29
N GLY A 48 -4.60 13.16 -7.56
CA GLY A 48 -5.51 12.04 -7.76
C GLY A 48 -5.04 11.02 -8.78
N ARG A 49 -4.06 11.41 -9.60
CA ARG A 49 -3.52 10.51 -10.62
C ARG A 49 -2.77 9.34 -9.98
N LYS A 50 -2.52 8.31 -10.78
CA LYS A 50 -1.84 7.11 -10.29
C LYS A 50 -0.71 6.71 -11.22
N ILE A 51 0.37 6.18 -10.65
CA ILE A 51 1.46 5.62 -11.47
C ILE A 51 2.01 4.33 -10.87
N CYS A 52 2.56 3.47 -11.73
CA CYS A 52 3.10 2.20 -11.29
C CYS A 52 4.59 2.32 -10.94
N LEU A 53 4.92 2.00 -9.69
CA LEU A 53 6.29 2.13 -9.21
C LEU A 53 7.14 0.92 -9.57
N ASP A 54 8.41 1.18 -9.87
CA ASP A 54 9.37 0.10 -10.08
C ASP A 54 9.50 -0.73 -8.81
N LEU A 55 9.47 -2.05 -8.96
CA LEU A 55 9.57 -2.96 -7.82
C LEU A 55 10.98 -2.97 -7.23
N GLN A 56 11.90 -2.21 -7.86
CA GLN A 56 13.27 -2.08 -7.38
C GLN A 56 13.30 -1.59 -5.93
N ALA A 57 14.40 -1.86 -5.24
CA ALA A 57 14.47 -1.71 -3.78
C ALA A 57 14.27 -0.29 -3.22
N PRO A 58 15.24 0.63 -3.45
CA PRO A 58 15.26 1.85 -2.63
C PRO A 58 14.13 2.83 -2.96
N LEU A 59 13.41 2.58 -4.05
CA LEU A 59 12.34 3.47 -4.48
C LEU A 59 11.17 3.47 -3.49
N TYR A 60 10.57 2.30 -3.29
CA TYR A 60 9.39 2.18 -2.43
C TYR A 60 9.75 2.01 -0.95
N LYS A 61 11.04 1.87 -0.67
CA LYS A 61 11.51 1.77 0.71
C LYS A 61 11.32 3.11 1.43
N LYS A 62 11.88 4.16 0.84
CA LYS A 62 11.82 5.51 1.41
C LYS A 62 10.41 6.08 1.42
N ILE A 63 9.62 5.70 0.43
CA ILE A 63 8.26 6.21 0.26
C ILE A 63 7.33 5.79 1.41
N ILE A 64 7.29 4.50 1.69
CA ILE A 64 6.44 3.95 2.76
C ILE A 64 6.73 4.60 4.11
N LYS A 65 8.00 4.91 4.37
CA LYS A 65 8.39 5.57 5.61
C LYS A 65 7.93 7.03 5.62
N LYS A 66 8.00 7.68 4.46
CA LYS A 66 7.59 9.09 4.35
C LYS A 66 6.07 9.21 4.47
N LEU A 67 5.37 8.11 4.19
CA LEU A 67 3.92 8.07 4.34
C LEU A 67 3.56 7.77 5.80
N LEU A 68 4.55 7.29 6.55
CA LEU A 68 4.31 6.86 7.93
C LEU A 68 4.75 7.89 8.98
N GLU A 69 5.29 9.01 8.51
CA GLU A 69 5.69 10.11 9.40
C GLU A 69 4.49 10.78 10.04
N ASP B 7 -15.47 17.50 5.61
CA ASP B 7 -15.94 16.72 4.48
C ASP B 7 -15.42 15.28 4.50
N LEU B 8 -14.21 15.08 5.00
CA LEU B 8 -13.64 13.74 5.09
C LEU B 8 -13.03 13.46 6.46
N GLN B 9 -13.21 12.22 6.92
CA GLN B 9 -12.63 11.77 8.18
C GLN B 9 -11.69 10.60 7.90
N CYS B 10 -11.15 10.00 8.96
CA CYS B 10 -10.30 8.82 8.80
C CYS B 10 -11.12 7.60 8.40
N LEU B 11 -10.51 6.69 7.67
CA LEU B 11 -11.18 5.47 7.24
C LEU B 11 -11.21 4.46 8.39
N CYS B 12 -10.11 4.34 9.11
CA CYS B 12 -9.98 3.36 10.18
C CYS B 12 -10.34 3.93 11.56
N VAL B 13 -11.15 3.19 12.30
CA VAL B 13 -11.46 3.57 13.68
C VAL B 13 -10.49 2.92 14.66
N LYS B 14 -10.36 1.60 14.59
CA LYS B 14 -9.39 0.89 15.42
C LYS B 14 -8.57 -0.12 14.62
N THR B 15 -7.32 -0.29 15.00
CA THR B 15 -6.43 -1.26 14.36
C THR B 15 -6.84 -2.67 14.74
N THR B 16 -6.18 -3.66 14.12
CA THR B 16 -6.35 -5.05 14.51
C THR B 16 -4.96 -5.65 14.72
N SER B 17 -4.90 -6.81 15.36
CA SER B 17 -3.62 -7.44 15.61
C SER B 17 -3.53 -8.81 14.96
N GLN B 18 -4.67 -9.50 14.86
CA GLN B 18 -4.68 -10.88 14.40
C GLN B 18 -5.37 -11.09 13.05
N VAL B 19 -4.58 -11.47 12.06
CA VAL B 19 -5.08 -11.93 10.76
C VAL B 19 -3.95 -12.69 10.06
N ARG B 20 -4.30 -13.64 9.20
CA ARG B 20 -3.30 -14.43 8.49
C ARG B 20 -2.79 -13.74 7.23
N PRO B 21 -1.49 -13.43 7.18
CA PRO B 21 -0.83 -12.79 6.04
C PRO B 21 -1.10 -13.50 4.72
N ARG B 22 -1.44 -14.79 4.79
CA ARG B 22 -1.85 -15.56 3.62
C ARG B 22 -3.18 -15.02 3.06
N HIS B 23 -4.03 -14.55 3.96
CA HIS B 23 -5.37 -14.08 3.59
C HIS B 23 -5.36 -12.68 2.95
N ILE B 24 -4.20 -12.04 2.91
CA ILE B 24 -4.10 -10.66 2.44
C ILE B 24 -3.71 -10.53 0.97
N THR B 25 -4.54 -9.84 0.20
CA THR B 25 -4.32 -9.65 -1.23
C THR B 25 -3.87 -8.24 -1.57
N SER B 26 -4.16 -7.31 -0.67
CA SER B 26 -3.84 -5.90 -0.92
C SER B 26 -3.58 -5.13 0.36
N LEU B 27 -2.59 -4.23 0.33
CA LEU B 27 -2.31 -3.35 1.46
C LEU B 27 -2.12 -1.93 0.95
N GLU B 28 -2.88 -1.01 1.51
CA GLU B 28 -2.76 0.40 1.12
C GLU B 28 -2.19 1.21 2.27
N VAL B 29 -1.17 2.01 1.97
CA VAL B 29 -0.53 2.84 2.97
C VAL B 29 -0.91 4.30 2.74
N ILE B 30 -1.69 4.87 3.64
CA ILE B 30 -2.18 6.23 3.47
C ILE B 30 -1.49 7.23 4.40
N LYS B 31 -0.81 8.20 3.79
CA LYS B 31 -0.13 9.28 4.51
C LYS B 31 -1.12 10.11 5.31
N ALA B 32 -0.67 10.68 6.42
CA ALA B 32 -1.49 11.61 7.19
C ALA B 32 -1.82 12.83 6.33
N GLY B 33 -3.07 13.29 6.42
CA GLY B 33 -3.51 14.43 5.64
C GLY B 33 -4.46 15.34 6.42
N PRO B 34 -5.02 16.35 5.74
CA PRO B 34 -5.95 17.30 6.37
C PRO B 34 -7.22 16.63 6.86
N HIS B 35 -7.53 15.47 6.29
CA HIS B 35 -8.76 14.74 6.61
C HIS B 35 -8.52 13.55 7.53
N CYS B 36 -7.28 13.39 8.00
CA CYS B 36 -6.93 12.36 8.97
C CYS B 36 -5.55 12.62 9.59
N PRO B 37 -5.52 12.88 10.91
CA PRO B 37 -4.29 13.27 11.61
C PRO B 37 -3.24 12.16 11.67
N THR B 38 -3.68 10.91 11.65
CA THR B 38 -2.77 9.77 11.72
C THR B 38 -2.68 9.01 10.40
N ALA B 39 -1.59 8.29 10.21
CA ALA B 39 -1.43 7.45 9.02
C ALA B 39 -2.37 6.25 9.12
N GLN B 40 -2.68 5.65 7.98
CA GLN B 40 -3.59 4.50 7.94
C GLN B 40 -3.01 3.32 7.16
N LEU B 41 -3.30 2.11 7.62
CA LEU B 41 -2.85 0.89 6.95
C LEU B 41 -4.03 -0.03 6.67
N ILE B 42 -4.58 0.07 5.46
CA ILE B 42 -5.76 -0.71 5.10
C ILE B 42 -5.38 -1.98 4.34
N ALA B 43 -5.89 -3.13 4.80
CA ALA B 43 -5.60 -4.41 4.16
C ALA B 43 -6.88 -5.04 3.61
N THR B 44 -6.82 -5.50 2.35
CA THR B 44 -7.97 -6.18 1.74
C THR B 44 -7.72 -7.68 1.64
N LEU B 45 -8.74 -8.47 1.94
CA LEU B 45 -8.62 -9.92 1.99
C LEU B 45 -9.37 -10.60 0.85
N LYS B 46 -9.07 -11.87 0.60
CA LYS B 46 -9.65 -12.62 -0.51
C LYS B 46 -11.18 -12.57 -0.55
N ASN B 47 -11.80 -12.56 0.63
CA ASN B 47 -13.26 -12.60 0.73
C ASN B 47 -13.92 -11.22 0.68
N GLY B 48 -13.12 -10.18 0.54
CA GLY B 48 -13.65 -8.82 0.43
C GLY B 48 -13.55 -8.06 1.74
N ARG B 49 -13.23 -8.75 2.82
CA ARG B 49 -13.08 -8.10 4.12
C ARG B 49 -11.92 -7.13 4.13
N LYS B 50 -12.17 -5.92 4.60
CA LYS B 50 -11.11 -4.92 4.73
C LYS B 50 -10.87 -4.64 6.22
N ILE B 51 -9.60 -4.56 6.61
CA ILE B 51 -9.24 -4.32 8.00
C ILE B 51 -8.08 -3.32 8.09
N CYS B 52 -7.86 -2.79 9.29
CA CYS B 52 -6.75 -1.87 9.51
C CYS B 52 -5.65 -2.51 10.35
N LEU B 53 -4.40 -2.18 10.04
CA LEU B 53 -3.26 -2.72 10.76
C LEU B 53 -2.72 -1.71 11.76
N ASP B 54 -1.77 -2.15 12.58
CA ASP B 54 -1.11 -1.28 13.54
C ASP B 54 0.15 -0.67 12.94
N LEU B 55 0.34 0.63 13.18
CA LEU B 55 1.50 1.36 12.67
C LEU B 55 2.74 1.06 13.52
N GLN B 56 2.55 0.95 14.83
CA GLN B 56 3.64 0.66 15.74
C GLN B 56 3.82 -0.85 15.95
N ALA B 57 3.91 -1.58 14.84
CA ALA B 57 4.14 -3.02 14.87
C ALA B 57 4.95 -3.43 13.65
N PRO B 58 5.72 -4.52 13.77
CA PRO B 58 6.46 -4.99 12.60
C PRO B 58 5.58 -5.85 11.69
N LEU B 59 4.30 -5.96 12.05
CA LEU B 59 3.36 -6.78 11.27
C LEU B 59 3.13 -6.22 9.87
N TYR B 60 3.00 -4.91 9.75
CA TYR B 60 2.81 -4.29 8.45
C TYR B 60 4.06 -4.51 7.59
N LYS B 61 5.22 -4.56 8.23
CA LYS B 61 6.48 -4.82 7.55
C LYS B 61 6.50 -6.25 7.02
N LYS B 62 5.82 -7.15 7.72
CA LYS B 62 5.75 -8.55 7.32
C LYS B 62 4.75 -8.72 6.17
N ILE B 63 3.61 -8.06 6.30
CA ILE B 63 2.59 -8.11 5.27
C ILE B 63 3.13 -7.58 3.93
N ILE B 64 3.76 -6.42 3.98
CA ILE B 64 4.32 -5.79 2.79
C ILE B 64 5.41 -6.65 2.13
N LYS B 65 6.34 -7.15 2.95
CA LYS B 65 7.44 -7.96 2.46
C LYS B 65 6.95 -9.24 1.77
N LYS B 66 5.78 -9.74 2.19
CA LYS B 66 5.21 -10.94 1.58
C LYS B 66 4.55 -10.65 0.23
N LEU B 67 3.67 -9.65 0.20
CA LEU B 67 2.95 -9.28 -1.02
C LEU B 67 3.89 -9.05 -2.20
N LEU B 68 5.01 -8.40 -1.93
CA LEU B 68 6.03 -8.15 -2.96
C LEU B 68 6.75 -9.42 -3.37
N GLU B 69 6.97 -10.32 -2.42
CA GLU B 69 7.64 -11.58 -2.69
C GLU B 69 6.79 -12.51 -3.54
N SER B 70 5.47 -12.35 -3.46
CA SER B 70 4.54 -13.16 -4.24
C SER B 70 4.76 -12.95 -5.74
C1 ZDO C . -7.71 -24.13 1.75
C1M ZDO C . -9.77 -24.45 2.85
C2 ZDO C . -7.45 -24.87 0.44
C3 ZDO C . -6.14 -24.45 -0.18
C4 ZDO C . -5.86 -22.98 0.14
C5 ZDO C . -5.69 -22.80 1.64
C6 ZDO C . -6.12 -21.40 2.06
O1 ZDO C . -8.45 -24.95 2.63
N2 ZDO C . -7.44 -26.34 0.68
S2 ZDO C . -8.79 -27.00 0.10
OSA ZDO C . -9.77 -27.16 1.20
OSB ZDO C . -8.48 -28.32 -0.48
OSC ZDO C . -9.37 -26.12 -0.94
O3 ZDO C . -6.20 -24.64 -1.61
O4 ZDO C . -4.67 -22.54 -0.53
O5 ZDO C . -6.45 -23.78 2.37
O6 ZDO C . -7.29 -21.04 1.34
S6 ZDO C . -7.57 -19.58 1.00
OS1 ZDO C . -7.53 -18.90 2.26
OS2 ZDO C . -8.87 -19.58 0.40
OS3 ZDO C . -6.52 -19.21 0.11
C1 IDS C . -4.98 -21.82 -1.72
C2 IDS C . -3.77 -20.99 -2.16
C3 IDS C . -3.33 -21.37 -3.56
C4 IDS C . -4.49 -21.32 -4.53
C5 IDS C . -5.67 -22.15 -4.00
C6 IDS C . -6.95 -21.33 -3.92
O2 IDS C . -4.10 -19.61 -2.14
O3 IDS C . -2.76 -22.68 -3.55
O4 IDS C . -4.89 -19.97 -4.79
O5 IDS C . -5.35 -22.75 -2.74
O6A IDS C . -7.98 -21.78 -4.46
O6B IDS C . -6.94 -20.23 -3.31
S IDS C . -3.14 -18.60 -1.49
O1S IDS C . -3.18 -17.33 -2.26
O2S IDS C . -1.77 -19.13 -1.52
O3S IDS C . -3.56 -18.34 -0.10
N2 SUS C . -3.90 -17.33 -5.12
C1 SUS C . -4.44 -19.53 -6.09
S1 SUS C . -2.30 -17.41 -5.37
C2 SUS C . -4.62 -18.01 -6.22
S2 SUS C . -7.16 -21.04 -10.47
C3 SUS C . -6.10 -17.63 -6.18
O3 SUS C . -6.24 -16.26 -6.55
S3 SUS C . -6.23 -15.15 -5.48
C4 SUS C . -6.93 -18.49 -7.13
O4 SUS C . -8.31 -18.23 -6.87
C5 SUS C . -6.59 -19.97 -6.97
O5 SUS C . -5.19 -20.19 -7.10
C6 SUS C . -7.34 -20.86 -7.98
O6 SUS C . -7.34 -20.24 -9.25
O1S SUS C . -1.75 -18.58 -4.66
O2S SUS C . -2.02 -17.53 -6.81
O3S SUS C . -1.68 -16.18 -4.84
O4S SUS C . -6.06 -20.37 -11.20
O5S SUS C . -8.26 -20.98 -11.40
O6S SUS C . -6.68 -22.36 -10.24
O7S SUS C . -7.00 -15.58 -4.31
O8S SUS C . -6.81 -13.92 -6.05
O9S SUS C . -4.82 -14.88 -5.07
C1 BDP C . -9.07 -18.01 -8.06
C2 BDP C . -10.54 -17.98 -7.75
C3 BDP C . -11.34 -17.82 -9.03
C4 BDP C . -10.78 -16.72 -9.94
C5 BDP C . -9.24 -16.65 -9.95
C6 BDP C . -8.80 -15.36 -10.55
O2 BDP C . -10.91 -19.20 -7.10
O3 BDP C . -12.71 -17.53 -8.69
O4 BDP C . -11.21 -16.94 -11.30
O5 BDP C . -8.71 -16.76 -8.63
O6A BDP C . -8.60 -14.37 -9.80
O6B BDP C . -8.65 -15.30 -11.79
C1 SGN C . -12.54 -16.49 -11.54
C2 SGN C . -13.03 -17.04 -12.90
C3 SGN C . -12.38 -16.31 -14.08
C4 SGN C . -12.37 -14.80 -13.88
C5 SGN C . -11.76 -14.48 -12.54
C6 SGN C . -11.63 -12.97 -12.33
N2 SGN C . -12.69 -18.47 -12.99
O3 SGN C . -13.11 -16.62 -15.28
O4 SGN C . -11.60 -14.19 -14.92
O5 SGN C . -12.57 -15.05 -11.51
O6 SGN C . -12.93 -12.38 -12.25
S1 SGN C . -13.97 -19.38 -12.63
O1S SGN C . -13.51 -20.64 -11.99
O2S SGN C . -14.71 -19.71 -13.88
O3S SGN C . -14.86 -18.66 -11.70
S2 SGN C . -13.07 -10.93 -12.52
O4S SGN C . -12.00 -10.14 -12.06
O5S SGN C . -13.49 -10.63 -13.85
O6S SGN C . -14.22 -10.52 -11.70
#